data_5FP5
#
_entry.id   5FP5
#
_cell.length_a   53.677
_cell.length_b   71.698
_cell.length_c   72.382
_cell.angle_alpha   90.00
_cell.angle_beta   90.00
_cell.angle_gamma   90.00
#
_symmetry.space_group_name_H-M   'P 21 21 21'
#
loop_
_entity.id
_entity.type
_entity.pdbx_description
1 polymer 'CYCLIN-DEPENDENT KINASE 2'
2 non-polymer '4-fluorobenzoic acid'
3 non-polymer 'ACETYL GROUP'
4 water water
#
_entity_poly.entity_id   1
_entity_poly.type   'polypeptide(L)'
_entity_poly.pdbx_seq_one_letter_code
;MENFQKVEKIGEGTYGVVYKARNKLTGEVVALKKIRLDTETEGVPSTAIREISLLKELNHPNIVKLLDVIHTENKLYLVF
EFLHQDLKKFMDASALTGIPLPLIKSYLFQLLQGLAFCHSHRVLHRDLKPQNLLINTEGAIKLADFGLARAFGVPVRTYT
HEVVTLWYRAPEILLGCKYYSTAVDIWSLGCIFAEMVTRRALFPGDSEIDQLFRIFRTLGTPDEVVWPGVTSMPDYKPSF
PKWARQDFSKVVPPLDEDGRSLLSQMLHYDPNKRISAKAALAHPFFQDVTKPVPHLRL
;
_entity_poly.pdbx_strand_id   A
#
# COMPACT_ATOMS: atom_id res chain seq x y z
N MET A 1 -7.49 -24.53 -14.75
CA MET A 1 -6.80 -25.58 -15.53
C MET A 1 -6.87 -26.93 -14.75
N GLU A 2 -6.73 -28.08 -15.44
CA GLU A 2 -7.08 -29.41 -14.95
C GLU A 2 -6.21 -29.91 -13.78
N ASN A 3 -4.97 -29.38 -13.63
CA ASN A 3 -4.09 -29.70 -12.49
C ASN A 3 -4.42 -28.90 -11.22
N PHE A 4 -5.44 -28.01 -11.26
CA PHE A 4 -5.88 -27.20 -10.14
C PHE A 4 -7.34 -27.47 -9.80
N GLN A 5 -7.60 -27.80 -8.52
CA GLN A 5 -8.94 -27.99 -7.97
C GLN A 5 -9.32 -26.77 -7.10
N LYS A 6 -10.46 -26.12 -7.43
CA LYS A 6 -11.01 -24.96 -6.74
C LYS A 6 -11.45 -25.33 -5.33
N VAL A 7 -11.04 -24.52 -4.33
CA VAL A 7 -11.48 -24.73 -2.94
C VAL A 7 -12.59 -23.70 -2.62
N GLU A 8 -12.34 -22.41 -2.97
CA GLU A 8 -13.23 -21.26 -2.71
C GLU A 8 -12.71 -19.95 -3.29
N LYS A 9 -13.63 -18.99 -3.54
CA LYS A 9 -13.25 -17.67 -3.98
C LYS A 9 -12.60 -16.90 -2.82
N ILE A 10 -11.40 -16.37 -3.05
CA ILE A 10 -10.66 -15.52 -2.10
C ILE A 10 -11.19 -14.08 -2.25
N GLY A 11 -11.40 -13.66 -3.49
CA GLY A 11 -11.87 -12.32 -3.81
C GLY A 11 -11.92 -12.00 -5.28
N GLU A 12 -12.29 -10.75 -5.60
CA GLU A 12 -12.40 -10.26 -6.97
C GLU A 12 -11.78 -8.87 -7.11
N GLY A 13 -10.91 -8.73 -8.10
CA GLY A 13 -10.24 -7.47 -8.43
C GLY A 13 -10.78 -6.83 -9.69
N TYR A 15 -9.08 -6.53 -12.87
CA TYR A 15 -8.48 -7.38 -13.91
C TYR A 15 -9.01 -8.83 -13.92
N GLY A 16 -9.35 -9.39 -12.75
CA GLY A 16 -9.93 -10.72 -12.68
C GLY A 16 -10.44 -11.21 -11.33
N VAL A 17 -10.49 -12.56 -11.16
CA VAL A 17 -11.02 -13.27 -9.99
C VAL A 17 -9.90 -14.10 -9.35
N VAL A 18 -9.90 -14.21 -8.00
CA VAL A 18 -8.89 -14.90 -7.19
C VAL A 18 -9.54 -16.07 -6.41
N TYR A 19 -9.07 -17.30 -6.66
CA TYR A 19 -9.52 -18.52 -5.97
C TYR A 19 -8.40 -19.10 -5.11
N LYS A 20 -8.75 -19.69 -3.97
CA LYS A 20 -7.91 -20.65 -3.26
C LYS A 20 -8.10 -21.96 -4.00
N ALA A 21 -6.99 -22.65 -4.27
CA ALA A 21 -6.91 -23.80 -5.17
C ALA A 21 -5.88 -24.79 -4.67
N ARG A 22 -6.12 -26.07 -4.91
CA ARG A 22 -5.10 -27.08 -4.65
C ARG A 22 -4.41 -27.52 -5.95
N ASN A 23 -3.09 -27.45 -5.95
CA ASN A 23 -2.25 -27.93 -7.03
C ASN A 23 -2.22 -29.46 -6.90
N LYS A 24 -2.81 -30.18 -7.86
CA LYS A 24 -2.87 -31.64 -7.82
C LYS A 24 -1.48 -32.27 -7.99
N LEU A 25 -0.56 -31.56 -8.67
CA LEU A 25 0.81 -32.06 -8.91
C LEU A 25 1.68 -31.98 -7.66
N THR A 26 1.70 -30.82 -6.96
CA THR A 26 2.57 -30.56 -5.79
C THR A 26 1.84 -30.83 -4.45
N GLY A 27 0.52 -30.92 -4.50
CA GLY A 27 -0.34 -30.95 -3.32
C GLY A 27 -0.43 -29.61 -2.62
N GLU A 28 0.17 -28.55 -3.20
CA GLU A 28 0.25 -27.27 -2.55
C GLU A 28 -1.05 -26.51 -2.72
N VAL A 29 -1.44 -25.77 -1.69
CA VAL A 29 -2.55 -24.84 -1.70
C VAL A 29 -1.99 -23.50 -2.18
N VAL A 30 -2.70 -22.88 -3.12
CA VAL A 30 -2.24 -21.70 -3.85
C VAL A 30 -3.40 -20.70 -4.00
N ALA A 31 -3.05 -19.44 -4.32
CA ALA A 31 -4.01 -18.45 -4.76
C ALA A 31 -3.92 -18.36 -6.27
N LEU A 32 -5.04 -18.61 -6.93
CA LEU A 32 -5.11 -18.68 -8.39
C LEU A 32 -5.90 -17.47 -8.88
N LYS A 33 -5.17 -16.55 -9.51
CA LYS A 33 -5.75 -15.35 -10.11
C LYS A 33 -6.00 -15.62 -11.62
N LYS A 34 -7.26 -15.71 -12.02
CA LYS A 34 -7.64 -15.81 -13.42
C LYS A 34 -7.82 -14.39 -13.97
N ILE A 35 -7.22 -14.07 -15.15
CA ILE A 35 -7.43 -12.77 -15.78
C ILE A 35 -8.13 -12.92 -17.14
N THR A 47 4.22 -6.21 -23.88
CA THR A 47 4.21 -5.28 -22.74
C THR A 47 3.92 -5.99 -21.41
N ALA A 48 2.89 -6.86 -21.40
CA ALA A 48 2.41 -7.58 -20.23
C ALA A 48 3.43 -8.63 -19.76
N ILE A 49 4.07 -9.33 -20.72
CA ILE A 49 5.03 -10.39 -20.45
C ILE A 49 6.28 -9.88 -19.71
N ARG A 50 6.83 -8.73 -20.15
CA ARG A 50 7.96 -8.06 -19.49
C ARG A 50 7.59 -7.61 -18.06
N GLU A 51 6.35 -7.09 -17.90
CA GLU A 51 5.80 -6.66 -16.61
C GLU A 51 5.67 -7.86 -15.65
N ILE A 52 5.09 -8.97 -16.16
CA ILE A 52 4.85 -10.18 -15.37
C ILE A 52 6.17 -10.95 -15.12
N SER A 53 7.18 -10.83 -16.03
CA SER A 53 8.53 -11.37 -15.78
C SER A 53 9.23 -10.62 -14.67
N LEU A 54 9.08 -9.27 -14.63
CA LEU A 54 9.61 -8.47 -13.53
C LEU A 54 9.01 -8.87 -12.19
N LEU A 55 7.68 -9.15 -12.17
CA LEU A 55 7.00 -9.65 -10.97
C LEU A 55 7.47 -11.05 -10.56
N LYS A 56 7.70 -11.96 -11.54
CA LYS A 56 8.12 -13.33 -11.29
C LYS A 56 9.57 -13.47 -10.79
N GLU A 57 10.42 -12.45 -11.06
CA GLU A 57 11.78 -12.41 -10.56
C GLU A 57 11.89 -11.67 -9.24
N LEU A 58 11.00 -10.69 -8.97
CA LEU A 58 10.87 -10.06 -7.65
C LEU A 58 10.64 -11.13 -6.60
N ASN A 59 11.71 -11.54 -5.94
CA ASN A 59 11.58 -12.46 -4.81
C ASN A 59 12.21 -11.82 -3.59
N HIS A 60 11.40 -11.65 -2.52
CA HIS A 60 11.77 -10.95 -1.29
C HIS A 60 10.85 -11.49 -0.20
N PRO A 61 11.25 -11.62 1.10
CA PRO A 61 10.30 -12.13 2.10
C PRO A 61 9.04 -11.27 2.33
N ASN A 62 9.02 -10.02 1.86
CA ASN A 62 7.88 -9.14 2.05
C ASN A 62 7.12 -8.88 0.76
N ILE A 63 7.29 -9.78 -0.22
CA ILE A 63 6.58 -9.81 -1.49
C ILE A 63 5.99 -11.23 -1.66
N VAL A 64 4.66 -11.33 -1.87
CA VAL A 64 3.96 -12.59 -2.15
C VAL A 64 4.61 -13.23 -3.40
N LYS A 65 4.93 -14.53 -3.32
CA LYS A 65 5.59 -15.17 -4.43
C LYS A 65 4.64 -15.48 -5.56
N LEU A 66 5.01 -15.01 -6.76
CA LEU A 66 4.37 -15.45 -7.98
C LEU A 66 5.04 -16.78 -8.38
N LEU A 67 4.37 -17.90 -8.05
CA LEU A 67 4.87 -19.26 -8.28
C LEU A 67 4.92 -19.67 -9.74
N ASP A 68 3.82 -19.39 -10.51
CA ASP A 68 3.65 -19.86 -11.89
C ASP A 68 2.74 -18.97 -12.72
N VAL A 69 3.05 -18.84 -14.02
CA VAL A 69 2.24 -18.15 -15.03
C VAL A 69 1.75 -19.18 -16.07
N ILE A 70 0.43 -19.36 -16.16
CA ILE A 70 -0.15 -20.33 -17.09
C ILE A 70 -0.90 -19.55 -18.15
N HIS A 71 -0.40 -19.61 -19.40
CA HIS A 71 -1.09 -18.98 -20.50
C HIS A 71 -1.75 -20.06 -21.34
N THR A 72 -3.09 -20.13 -21.26
CA THR A 72 -3.98 -21.05 -21.97
C THR A 72 -5.29 -20.34 -22.29
N LEU A 76 -5.18 -16.64 -19.05
CA LEU A 76 -4.05 -16.15 -18.25
C LEU A 76 -4.29 -16.28 -16.72
N TYR A 77 -3.72 -17.35 -16.13
CA TYR A 77 -3.77 -17.67 -14.71
C TYR A 77 -2.43 -17.33 -14.10
N LEU A 78 -2.44 -16.55 -13.00
CA LEU A 78 -1.26 -16.30 -12.17
C LEU A 78 -1.41 -17.09 -10.86
N VAL A 79 -0.45 -18.01 -10.59
CA VAL A 79 -0.45 -18.87 -9.40
C VAL A 79 0.48 -18.21 -8.38
N PHE A 80 -0.10 -17.75 -7.27
CA PHE A 80 0.60 -17.12 -6.16
C PHE A 80 0.65 -18.09 -4.96
N GLU A 81 1.68 -17.96 -4.10
CA GLU A 81 1.62 -18.55 -2.76
C GLU A 81 0.31 -18.10 -2.05
N PHE A 82 -0.27 -18.95 -1.21
CA PHE A 82 -1.51 -18.60 -0.53
C PHE A 82 -1.17 -18.15 0.91
N LEU A 83 -1.78 -17.03 1.34
CA LEU A 83 -1.87 -16.69 2.77
C LEU A 83 -3.33 -16.33 3.05
N HIS A 84 -3.85 -16.82 4.18
CA HIS A 84 -5.27 -16.64 4.47
C HIS A 84 -5.63 -15.20 4.86
N GLN A 85 -4.81 -14.59 5.70
CA GLN A 85 -5.18 -13.34 6.37
C GLN A 85 -4.59 -12.16 5.64
N ASP A 86 -5.29 -11.03 5.67
CA ASP A 86 -4.78 -9.76 5.18
C ASP A 86 -4.90 -8.65 6.25
N LEU A 87 -4.20 -7.52 6.07
CA LEU A 87 -4.19 -6.38 7.00
C LEU A 87 -5.56 -5.75 7.25
N LYS A 88 -6.41 -5.63 6.23
CA LYS A 88 -7.80 -5.17 6.34
C LYS A 88 -8.60 -6.03 7.33
N LYS A 89 -8.56 -7.36 7.14
CA LYS A 89 -9.20 -8.35 8.01
C LYS A 89 -8.64 -8.20 9.42
N PHE A 90 -7.32 -8.00 9.54
CA PHE A 90 -6.64 -7.87 10.84
C PHE A 90 -7.02 -6.56 11.55
N MET A 91 -6.96 -5.43 10.84
CA MET A 91 -7.45 -4.10 11.30
C MET A 91 -8.92 -4.22 11.81
N ASP A 92 -9.82 -4.84 11.03
CA ASP A 92 -11.21 -5.05 11.45
C ASP A 92 -11.34 -5.84 12.74
N ALA A 93 -10.66 -7.02 12.85
CA ALA A 93 -10.68 -7.83 14.08
C ALA A 93 -9.97 -7.13 15.25
N SER A 94 -9.09 -6.16 14.96
CA SER A 94 -8.34 -5.45 15.99
C SER A 94 -9.01 -4.13 16.38
N ALA A 95 -10.17 -3.79 15.81
CA ALA A 95 -10.81 -2.46 15.94
C ALA A 95 -11.11 -2.02 17.38
N LEU A 96 -11.38 -2.95 18.31
CA LEU A 96 -11.74 -2.62 19.69
C LEU A 96 -10.56 -2.17 20.57
N THR A 97 -9.40 -2.85 20.43
CA THR A 97 -8.18 -2.56 21.20
C THR A 97 -7.17 -1.77 20.38
N GLY A 98 -7.15 -2.00 19.07
CA GLY A 98 -6.15 -1.45 18.18
C GLY A 98 -4.97 -2.37 18.02
N ILE A 99 -4.27 -2.26 16.89
CA ILE A 99 -3.04 -3.02 16.69
C ILE A 99 -2.03 -2.47 17.68
N PRO A 100 -1.32 -3.34 18.47
CA PRO A 100 -0.25 -2.81 19.34
C PRO A 100 0.80 -2.09 18.51
N LEU A 101 1.27 -0.93 18.98
CA LEU A 101 2.31 -0.15 18.30
C LEU A 101 3.55 -0.98 17.89
N PRO A 102 4.12 -1.91 18.73
CA PRO A 102 5.23 -2.74 18.23
C PRO A 102 4.91 -3.46 16.92
N LEU A 103 3.68 -3.97 16.79
CA LEU A 103 3.23 -4.66 15.58
C LEU A 103 2.98 -3.70 14.42
N ILE A 104 2.39 -2.51 14.70
CA ILE A 104 2.27 -1.44 13.72
C ILE A 104 3.63 -1.16 13.09
N LYS A 105 4.65 -0.89 13.95
CA LYS A 105 6.02 -0.52 13.60
C LYS A 105 6.71 -1.63 12.81
N SER A 106 6.49 -2.90 13.20
CA SER A 106 7.02 -4.10 12.53
C SER A 106 6.42 -4.25 11.13
N TYR A 107 5.08 -4.18 11.02
CA TYR A 107 4.37 -4.15 9.73
C TYR A 107 4.84 -2.99 8.84
N LEU A 108 4.90 -1.77 9.37
CA LEU A 108 5.42 -0.63 8.61
C LEU A 108 6.86 -0.84 8.10
N PHE A 109 7.80 -1.30 8.97
CA PHE A 109 9.21 -1.56 8.63
C PHE A 109 9.35 -2.63 7.55
N GLN A 110 8.58 -3.74 7.65
CA GLN A 110 8.64 -4.83 6.65
C GLN A 110 8.12 -4.39 5.27
N LEU A 111 7.04 -3.55 5.22
CA LEU A 111 6.47 -3.05 3.96
C LEU A 111 7.41 -2.03 3.29
N LEU A 112 8.10 -1.21 4.10
CA LEU A 112 9.13 -0.30 3.59
C LEU A 112 10.31 -1.07 2.95
N GLN A 113 10.67 -2.22 3.54
CA GLN A 113 11.65 -3.17 2.98
C GLN A 113 11.25 -3.76 1.64
N GLY A 114 10.02 -4.28 1.54
CA GLY A 114 9.48 -4.81 0.28
C GLY A 114 9.41 -3.72 -0.78
N LEU A 115 8.95 -2.54 -0.38
CA LEU A 115 8.86 -1.37 -1.24
C LEU A 115 10.25 -0.94 -1.72
N ALA A 116 11.26 -0.90 -0.80
CA ALA A 116 12.64 -0.53 -1.18
C ALA A 116 13.21 -1.48 -2.22
N PHE A 117 13.01 -2.80 -2.02
CA PHE A 117 13.36 -3.84 -2.99
C PHE A 117 12.69 -3.62 -4.37
N CYS A 118 11.35 -3.44 -4.41
CA CYS A 118 10.56 -3.15 -5.61
C CYS A 118 11.13 -1.97 -6.36
N HIS A 119 11.28 -0.85 -5.64
CA HIS A 119 11.69 0.44 -6.19
C HIS A 119 13.12 0.46 -6.72
N SER A 120 14.04 -0.29 -6.07
CA SER A 120 15.44 -0.44 -6.53
C SER A 120 15.52 -1.38 -7.74
N HIS A 121 14.42 -2.11 -8.05
CA HIS A 121 14.26 -2.95 -9.24
C HIS A 121 13.29 -2.34 -10.25
N ARG A 122 13.07 -1.01 -10.15
CA ARG A 122 12.20 -0.20 -11.02
C ARG A 122 10.73 -0.74 -11.11
N VAL A 123 10.25 -1.44 -10.05
CA VAL A 123 8.87 -1.90 -9.99
C VAL A 123 8.10 -0.97 -9.04
N LEU A 124 6.96 -0.43 -9.49
CA LEU A 124 6.03 0.31 -8.64
C LEU A 124 4.87 -0.62 -8.30
N HIS A 125 4.31 -0.51 -7.07
CA HIS A 125 3.12 -1.28 -6.73
C HIS A 125 1.88 -0.64 -7.38
N ARG A 126 1.67 0.69 -7.16
CA ARG A 126 0.59 1.54 -7.73
C ARG A 126 -0.75 1.40 -7.02
N ASP A 127 -0.98 0.28 -6.31
CA ASP A 127 -2.31 0.08 -5.73
C ASP A 127 -2.26 -0.51 -4.30
N LEU A 128 -1.39 0.05 -3.46
CA LEU A 128 -1.29 -0.42 -2.09
C LEU A 128 -2.56 -0.13 -1.32
N LYS A 129 -3.05 -1.14 -0.63
CA LYS A 129 -4.20 -1.01 0.24
C LYS A 129 -4.17 -2.13 1.25
N PRO A 130 -4.84 -1.96 2.44
CA PRO A 130 -4.83 -3.02 3.45
C PRO A 130 -5.22 -4.42 2.97
N GLN A 131 -6.27 -4.49 2.11
CA GLN A 131 -6.79 -5.69 1.41
C GLN A 131 -5.65 -6.46 0.72
N ASN A 132 -4.66 -5.70 0.19
CA ASN A 132 -3.57 -6.21 -0.64
C ASN A 132 -2.31 -6.60 0.18
N LEU A 133 -2.40 -6.54 1.50
CA LEU A 133 -1.25 -6.77 2.36
C LEU A 133 -1.48 -8.03 3.17
N LEU A 134 -0.79 -9.11 2.81
CA LEU A 134 -1.06 -10.42 3.39
C LEU A 134 -0.17 -10.66 4.59
N ILE A 135 -0.73 -11.25 5.64
CA ILE A 135 -0.01 -11.48 6.89
C ILE A 135 0.08 -12.99 7.19
N ASN A 136 1.14 -13.42 7.88
CA ASN A 136 1.13 -14.79 8.40
C ASN A 136 1.09 -14.82 9.96
N THR A 137 1.15 -16.03 10.52
CA THR A 137 1.07 -16.31 11.96
C THR A 137 2.39 -15.97 12.66
N GLU A 138 3.48 -15.85 11.89
CA GLU A 138 4.81 -15.57 12.43
C GLU A 138 5.20 -14.11 12.48
N GLY A 139 4.29 -13.20 12.15
CA GLY A 139 4.58 -11.77 12.21
C GLY A 139 5.06 -11.13 10.93
N ALA A 140 5.06 -11.86 9.80
CA ALA A 140 5.39 -11.31 8.49
C ALA A 140 4.18 -10.67 7.83
N ILE A 141 4.45 -9.66 6.99
CA ILE A 141 3.51 -8.98 6.11
C ILE A 141 4.14 -8.91 4.71
N LYS A 142 3.33 -9.06 3.65
CA LYS A 142 3.78 -9.20 2.25
C LYS A 142 2.89 -8.43 1.29
N LEU A 143 3.54 -7.67 0.39
CA LEU A 143 2.90 -6.94 -0.70
C LEU A 143 2.30 -7.94 -1.67
N ALA A 144 0.99 -7.82 -1.90
CA ALA A 144 0.27 -8.64 -2.89
C ALA A 144 -0.48 -7.76 -3.86
N ASP A 145 -0.97 -8.38 -4.94
CA ASP A 145 -1.91 -7.83 -5.90
C ASP A 145 -1.37 -6.49 -6.47
N PHE A 146 -0.16 -6.57 -7.06
CA PHE A 146 0.49 -5.46 -7.75
C PHE A 146 -0.41 -4.92 -8.87
N GLY A 147 -0.35 -3.62 -9.10
CA GLY A 147 -1.09 -2.95 -10.17
C GLY A 147 -0.54 -3.29 -11.53
N LEU A 148 -1.30 -4.10 -12.30
CA LEU A 148 -0.90 -4.60 -13.62
C LEU A 148 -1.75 -3.97 -14.73
N THR A 165 -10.91 1.73 -2.38
CA THR A 165 -10.77 1.90 -3.83
C THR A 165 -9.90 3.14 -4.10
N LEU A 166 -10.31 4.37 -3.68
CA LEU A 166 -9.49 5.57 -3.94
C LEU A 166 -8.72 6.10 -2.72
N TRP A 167 -8.95 5.50 -1.53
CA TRP A 167 -8.51 6.02 -0.25
C TRP A 167 -7.00 6.24 -0.13
N TYR A 168 -6.21 5.44 -0.83
CA TYR A 168 -4.75 5.37 -0.69
C TYR A 168 -4.05 5.96 -1.91
N ARG A 169 -4.82 6.61 -2.79
CA ARG A 169 -4.31 7.19 -4.03
C ARG A 169 -3.58 8.51 -3.75
N ALA A 170 -2.32 8.59 -4.25
CA ALA A 170 -1.46 9.78 -4.21
C ALA A 170 -2.12 10.94 -4.96
N PRO A 171 -1.93 12.21 -4.48
CA PRO A 171 -2.60 13.35 -5.13
C PRO A 171 -2.15 13.62 -6.56
N GLU A 172 -0.90 13.25 -6.94
CA GLU A 172 -0.48 13.41 -8.34
C GLU A 172 -1.28 12.53 -9.30
N ILE A 173 -1.67 11.31 -8.88
CA ILE A 173 -2.53 10.42 -9.69
C ILE A 173 -3.94 11.04 -9.81
N LEU A 174 -4.50 11.52 -8.68
CA LEU A 174 -5.80 12.20 -8.65
C LEU A 174 -5.83 13.49 -9.47
N LEU A 175 -4.68 14.14 -9.66
CA LEU A 175 -4.54 15.37 -10.42
C LEU A 175 -4.17 15.12 -11.91
N GLY A 176 -4.23 13.86 -12.34
CA GLY A 176 -4.12 13.45 -13.74
C GLY A 176 -2.71 13.26 -14.26
N CYS A 177 -1.73 13.11 -13.34
CA CYS A 177 -0.35 12.88 -13.73
C CYS A 177 -0.20 11.42 -14.22
N LYS A 178 0.25 11.25 -15.46
CA LYS A 178 0.37 9.89 -16.00
C LYS A 178 1.77 9.28 -15.81
N TYR A 179 2.78 10.12 -15.53
CA TYR A 179 4.17 9.68 -15.43
C TYR A 179 4.68 9.78 -14.03
N TYR A 180 3.94 9.16 -13.10
CA TYR A 180 4.22 9.23 -11.67
C TYR A 180 5.41 8.30 -11.27
N SER A 181 5.85 8.40 -10.00
CA SER A 181 7.07 7.75 -9.54
C SER A 181 6.79 6.81 -8.38
N THR A 182 7.86 6.25 -7.82
CA THR A 182 7.87 5.37 -6.65
C THR A 182 7.19 6.03 -5.44
N ALA A 183 7.18 7.38 -5.38
CA ALA A 183 6.55 8.20 -4.33
C ALA A 183 5.06 7.92 -4.16
N VAL A 184 4.37 7.40 -5.21
CA VAL A 184 2.94 7.03 -5.07
C VAL A 184 2.75 5.92 -4.05
N ASP A 185 3.65 4.93 -3.98
CA ASP A 185 3.57 3.82 -3.02
C ASP A 185 3.85 4.26 -1.61
N ILE A 186 4.77 5.19 -1.42
CA ILE A 186 5.05 5.84 -0.13
C ILE A 186 3.84 6.56 0.44
N TRP A 187 3.11 7.32 -0.43
CA TRP A 187 1.89 8.04 -0.01
C TRP A 187 0.85 7.03 0.50
N SER A 188 0.52 6.01 -0.33
CA SER A 188 -0.39 4.90 0.04
C SER A 188 0.04 4.30 1.38
N LEU A 189 1.32 3.96 1.55
CA LEU A 189 1.81 3.38 2.81
C LEU A 189 1.66 4.33 4.04
N GLY A 190 1.88 5.63 3.83
CA GLY A 190 1.57 6.65 4.83
C GLY A 190 0.10 6.63 5.27
N CYS A 191 -0.83 6.58 4.31
CA CYS A 191 -2.27 6.44 4.57
C CYS A 191 -2.60 5.24 5.42
N ILE A 192 -1.97 4.10 5.09
CA ILE A 192 -2.16 2.80 5.78
C ILE A 192 -1.60 2.84 7.20
N PHE A 193 -0.42 3.46 7.37
CA PHE A 193 0.26 3.70 8.64
C PHE A 193 -0.68 4.50 9.55
N ALA A 194 -1.19 5.66 9.07
CA ALA A 194 -2.17 6.46 9.80
C ALA A 194 -3.42 5.64 10.26
N GLU A 195 -3.97 4.84 9.36
CA GLU A 195 -5.11 3.93 9.59
C GLU A 195 -4.86 2.84 10.65
N MET A 196 -3.70 2.17 10.62
CA MET A 196 -3.37 1.22 11.72
C MET A 196 -3.34 1.97 13.07
N VAL A 197 -2.79 3.22 13.09
CA VAL A 197 -2.64 4.00 14.32
C VAL A 197 -4.04 4.41 14.86
N THR A 198 -4.90 5.02 14.02
CA THR A 198 -6.14 5.65 14.51
C THR A 198 -7.35 4.73 14.42
N ARG A 199 -7.23 3.60 13.71
CA ARG A 199 -8.33 2.62 13.49
C ARG A 199 -9.47 3.24 12.63
N ARG A 200 -9.19 4.32 11.84
CA ARG A 200 -10.07 4.93 10.83
C ARG A 200 -9.22 5.19 9.60
N ALA A 201 -9.80 5.00 8.41
CA ALA A 201 -9.17 5.42 7.15
C ALA A 201 -8.78 6.90 7.23
N LEU A 202 -7.61 7.26 6.70
CA LEU A 202 -7.17 8.65 6.75
C LEU A 202 -8.00 9.54 5.81
N PHE A 203 -8.22 9.08 4.59
CA PHE A 203 -8.93 9.90 3.60
C PHE A 203 -9.95 9.03 2.88
N PRO A 204 -11.11 8.75 3.52
CA PRO A 204 -12.09 7.87 2.89
C PRO A 204 -12.97 8.53 1.79
N GLY A 205 -12.33 8.91 0.68
CA GLY A 205 -13.01 9.53 -0.46
C GLY A 205 -13.94 8.59 -1.20
N ASP A 206 -15.06 9.11 -1.72
CA ASP A 206 -16.00 8.24 -2.44
C ASP A 206 -16.12 8.58 -3.95
N SER A 207 -15.33 9.56 -4.39
CA SER A 207 -15.14 9.95 -5.81
C SER A 207 -13.76 10.57 -5.88
N GLU A 208 -13.25 10.82 -7.10
CA GLU A 208 -11.95 11.44 -7.25
C GLU A 208 -11.87 12.83 -6.64
N ILE A 209 -12.94 13.63 -6.76
CA ILE A 209 -12.94 14.98 -6.21
C ILE A 209 -13.14 14.97 -4.68
N ASP A 210 -14.00 14.07 -4.15
CA ASP A 210 -14.16 13.94 -2.70
C ASP A 210 -12.83 13.48 -2.07
N GLN A 211 -12.13 12.55 -2.73
CA GLN A 211 -10.78 12.10 -2.33
C GLN A 211 -9.79 13.27 -2.27
N LEU A 212 -9.73 14.05 -3.33
CA LEU A 212 -8.86 15.23 -3.45
C LEU A 212 -9.14 16.23 -2.33
N PHE A 213 -10.41 16.50 -2.10
CA PHE A 213 -10.86 17.51 -1.15
C PHE A 213 -10.71 17.05 0.29
N ARG A 214 -10.83 15.73 0.55
CA ARG A 214 -10.48 15.15 1.86
C ARG A 214 -8.98 15.32 2.14
N ILE A 215 -8.11 15.09 1.14
CA ILE A 215 -6.67 15.37 1.31
C ILE A 215 -6.47 16.87 1.60
N PHE A 216 -7.12 17.76 0.83
CA PHE A 216 -6.93 19.21 0.96
C PHE A 216 -7.41 19.74 2.29
N ARG A 217 -8.58 19.25 2.81
CA ARG A 217 -9.13 19.73 4.09
C ARG A 217 -8.20 19.40 5.27
N THR A 218 -7.44 18.28 5.17
CA THR A 218 -6.53 17.85 6.23
C THR A 218 -5.14 18.50 6.09
N LEU A 219 -4.52 18.41 4.93
CA LEU A 219 -3.13 18.82 4.73
C LEU A 219 -3.00 20.25 4.17
N GLY A 220 -4.14 20.89 3.86
CA GLY A 220 -4.20 22.21 3.25
C GLY A 220 -4.16 22.12 1.74
N THR A 221 -4.81 23.08 1.02
CA THR A 221 -4.79 23.05 -0.45
C THR A 221 -3.36 23.29 -0.94
N PRO A 222 -2.78 22.37 -1.75
CA PRO A 222 -1.39 22.58 -2.20
C PRO A 222 -1.30 23.81 -3.08
N ASP A 223 -0.14 24.49 -3.05
CA ASP A 223 0.15 25.58 -3.97
C ASP A 223 1.55 25.41 -4.48
N GLU A 224 2.03 26.39 -5.26
CA GLU A 224 3.36 26.38 -5.91
C GLU A 224 4.51 26.40 -4.91
N VAL A 225 4.31 27.05 -3.74
CA VAL A 225 5.25 27.11 -2.62
C VAL A 225 5.63 25.68 -2.16
N VAL A 226 4.65 24.88 -1.77
CA VAL A 226 4.89 23.56 -1.16
C VAL A 226 5.08 22.48 -2.23
N TRP A 227 4.53 22.71 -3.44
CA TRP A 227 4.53 21.75 -4.55
C TRP A 227 4.74 22.49 -5.87
N PRO A 228 6.01 22.81 -6.21
CA PRO A 228 6.27 23.49 -7.49
C PRO A 228 5.73 22.61 -8.61
N GLY A 229 4.97 23.20 -9.54
CA GLY A 229 4.37 22.47 -10.63
C GLY A 229 2.95 21.97 -10.42
N VAL A 230 2.40 22.06 -9.20
CA VAL A 230 1.04 21.58 -8.91
C VAL A 230 -0.03 22.26 -9.83
N THR A 231 0.10 23.59 -10.03
CA THR A 231 -0.90 24.34 -10.79
C THR A 231 -0.85 24.03 -12.30
N SER A 232 0.16 23.24 -12.76
CA SER A 232 0.31 22.75 -14.16
C SER A 232 -0.15 21.29 -14.32
N MET A 233 -0.60 20.63 -13.25
CA MET A 233 -1.06 19.23 -13.31
C MET A 233 -2.30 19.14 -14.22
N PRO A 234 -2.50 18.07 -15.04
CA PRO A 234 -3.57 18.12 -16.06
C PRO A 234 -4.98 18.41 -15.54
N ASP A 235 -5.31 17.93 -14.32
CA ASP A 235 -6.65 18.10 -13.73
C ASP A 235 -6.69 19.11 -12.59
N TYR A 236 -5.62 19.91 -12.45
CA TYR A 236 -5.65 20.98 -11.46
C TYR A 236 -6.57 22.10 -11.93
N LYS A 237 -7.41 22.61 -11.03
CA LYS A 237 -8.34 23.72 -11.27
C LYS A 237 -8.03 24.86 -10.30
N PRO A 238 -7.80 26.11 -10.78
CA PRO A 238 -7.63 27.25 -9.85
C PRO A 238 -8.83 27.50 -8.93
N SER A 239 -10.02 27.04 -9.34
CA SER A 239 -11.25 27.10 -8.56
C SER A 239 -11.31 26.07 -7.40
N PHE A 240 -10.27 25.22 -7.20
CA PHE A 240 -10.24 24.38 -5.99
C PHE A 240 -10.36 25.29 -4.74
N PRO A 241 -11.27 25.02 -3.76
CA PRO A 241 -11.27 25.85 -2.52
C PRO A 241 -9.94 25.75 -1.79
N LYS A 242 -9.60 26.81 -1.05
CA LYS A 242 -8.32 26.88 -0.35
C LYS A 242 -8.52 26.55 1.14
N TRP A 243 -8.18 25.32 1.51
CA TRP A 243 -8.24 24.88 2.90
C TRP A 243 -6.91 25.11 3.60
N ALA A 244 -6.98 25.49 4.89
CA ALA A 244 -5.86 25.48 5.81
C ALA A 244 -5.44 24.06 6.16
N ARG A 245 -4.17 23.89 6.52
CA ARG A 245 -3.62 22.64 6.99
C ARG A 245 -3.96 22.42 8.46
N GLN A 246 -4.34 21.17 8.81
CA GLN A 246 -4.40 20.73 10.21
C GLN A 246 -3.05 20.18 10.69
N ASP A 247 -2.74 20.36 11.99
CA ASP A 247 -1.55 19.78 12.64
C ASP A 247 -1.71 18.26 12.64
N PHE A 248 -0.62 17.53 12.36
CA PHE A 248 -0.57 16.06 12.46
C PHE A 248 -0.83 15.49 13.88
N SER A 249 -0.67 16.34 14.92
CA SER A 249 -0.98 15.93 16.29
C SER A 249 -2.51 15.66 16.47
N LYS A 250 -3.33 16.41 15.73
CA LYS A 250 -4.79 16.21 15.58
C LYS A 250 -5.10 15.01 14.67
N VAL A 251 -4.24 14.73 13.68
CA VAL A 251 -4.52 13.75 12.61
C VAL A 251 -4.32 12.30 13.09
N VAL A 252 -3.20 12.01 13.77
CA VAL A 252 -2.86 10.65 14.22
C VAL A 252 -2.58 10.54 15.74
N PRO A 253 -3.37 11.13 16.67
CA PRO A 253 -3.09 10.86 18.09
C PRO A 253 -3.38 9.37 18.39
N PRO A 254 -2.71 8.67 19.33
CA PRO A 254 -1.60 9.13 20.19
C PRO A 254 -0.19 8.88 19.61
N LEU A 255 -0.01 8.87 18.27
CA LEU A 255 1.33 8.63 17.69
C LEU A 255 2.42 9.59 18.22
N ASP A 256 3.58 9.05 18.63
CA ASP A 256 4.67 9.87 19.14
C ASP A 256 5.34 10.74 18.04
N GLU A 257 6.29 11.60 18.42
CA GLU A 257 6.86 12.62 17.53
C GLU A 257 7.64 11.94 16.39
N ASP A 258 8.38 10.85 16.68
CA ASP A 258 9.09 10.08 15.63
C ASP A 258 8.12 9.51 14.59
N GLY A 259 7.03 8.86 15.04
CA GLY A 259 5.98 8.38 14.14
C GLY A 259 5.31 9.48 13.33
N ARG A 260 4.98 10.62 13.97
CA ARG A 260 4.42 11.79 13.25
C ARG A 260 5.41 12.42 12.25
N SER A 261 6.69 12.54 12.63
CA SER A 261 7.77 13.04 11.76
C SER A 261 7.90 12.18 10.49
N LEU A 262 7.94 10.85 10.68
CA LEU A 262 8.02 9.95 9.55
C LEU A 262 6.75 10.01 8.69
N LEU A 263 5.55 10.06 9.31
CA LEU A 263 4.30 10.12 8.57
C LEU A 263 4.28 11.38 7.72
N SER A 264 4.65 12.53 8.33
CA SER A 264 4.64 13.81 7.60
C SER A 264 5.51 13.75 6.33
N GLN A 265 6.63 12.99 6.37
CA GLN A 265 7.60 12.91 5.28
C GLN A 265 7.12 11.96 4.18
N MET A 266 6.23 11.03 4.54
CA MET A 266 5.56 10.10 3.65
C MET A 266 4.40 10.76 2.95
N LEU A 267 3.87 11.85 3.56
CA LEU A 267 2.70 12.58 3.07
C LEU A 267 3.00 13.99 2.54
N HIS A 268 4.27 14.26 2.17
CA HIS A 268 4.61 15.53 1.51
C HIS A 268 3.83 15.56 0.19
N TYR A 269 3.23 16.70 -0.13
CA TYR A 269 2.53 16.90 -1.41
C TYR A 269 3.44 16.62 -2.59
N ASP A 270 4.58 17.31 -2.67
CA ASP A 270 5.54 17.22 -3.76
C ASP A 270 6.15 15.80 -3.76
N PRO A 271 5.87 14.98 -4.80
CA PRO A 271 6.48 13.63 -4.86
C PRO A 271 8.00 13.63 -4.68
N ASN A 272 8.69 14.70 -5.11
CA ASN A 272 10.15 14.82 -4.99
C ASN A 272 10.61 15.20 -3.58
N LYS A 273 9.69 15.64 -2.69
CA LYS A 273 10.05 15.84 -1.29
C LYS A 273 9.73 14.60 -0.44
N ARG A 274 8.82 13.76 -0.94
CA ARG A 274 8.34 12.56 -0.23
C ARG A 274 9.53 11.66 0.03
N ILE A 275 9.70 11.20 1.28
CA ILE A 275 10.80 10.32 1.67
C ILE A 275 10.76 9.02 0.80
N SER A 276 11.93 8.44 0.51
CA SER A 276 11.99 7.16 -0.18
C SER A 276 11.80 6.04 0.84
N ALA A 277 11.48 4.79 0.38
CA ALA A 277 11.36 3.64 1.31
C ALA A 277 12.72 3.36 1.98
N LYS A 278 13.83 3.52 1.23
CA LYS A 278 15.17 3.30 1.77
C LYS A 278 15.54 4.32 2.88
N ALA A 279 15.31 5.61 2.64
CA ALA A 279 15.58 6.57 3.72
C ALA A 279 14.57 6.43 4.91
N ALA A 280 13.32 5.99 4.64
CA ALA A 280 12.34 5.76 5.74
C ALA A 280 12.81 4.64 6.69
N LEU A 281 13.54 3.65 6.17
CA LEU A 281 14.06 2.55 6.99
C LEU A 281 15.08 3.01 8.04
N ALA A 282 15.80 4.12 7.77
CA ALA A 282 16.80 4.66 8.71
C ALA A 282 16.18 5.71 9.65
N HIS A 283 14.85 5.90 9.58
CA HIS A 283 14.19 6.88 10.46
C HIS A 283 14.31 6.49 11.97
N PRO A 284 14.56 7.45 12.91
CA PRO A 284 14.51 7.14 14.36
C PRO A 284 13.30 6.36 14.89
N PHE A 285 12.11 6.45 14.26
CA PHE A 285 10.94 5.65 14.63
C PHE A 285 11.26 4.15 14.71
N PHE A 286 12.13 3.63 13.82
CA PHE A 286 12.47 2.19 13.78
C PHE A 286 13.64 1.78 14.71
N GLN A 287 14.13 2.70 15.55
CA GLN A 287 15.24 2.44 16.47
C GLN A 287 14.99 1.20 17.39
N ASP A 288 13.77 1.09 17.92
CA ASP A 288 13.32 0.00 18.81
C ASP A 288 12.41 -1.01 18.06
N VAL A 289 12.50 -1.08 16.71
CA VAL A 289 11.70 -2.06 15.97
C VAL A 289 12.05 -3.51 16.38
N THR A 290 11.01 -4.34 16.51
CA THR A 290 11.09 -5.77 16.77
C THR A 290 10.11 -6.44 15.82
N LYS A 291 9.93 -7.76 15.94
CA LYS A 291 8.98 -8.49 15.12
C LYS A 291 8.04 -9.30 16.03
N PRO A 292 6.94 -8.69 16.56
CA PRO A 292 6.03 -9.44 17.44
C PRO A 292 5.22 -10.47 16.68
N VAL A 293 4.66 -11.45 17.41
CA VAL A 293 3.75 -12.46 16.89
C VAL A 293 2.30 -11.88 16.97
N PRO A 294 1.53 -11.77 15.85
CA PRO A 294 0.17 -11.23 15.97
C PRO A 294 -0.72 -12.19 16.75
N HIS A 295 -1.67 -11.63 17.55
CA HIS A 295 -2.61 -12.35 18.41
C HIS A 295 -3.74 -11.41 18.81
#